data_7IB2
#
_entry.id   7IB2
#
_cell.length_a   60.510
_cell.length_b   60.510
_cell.length_c   214.570
_cell.angle_alpha   90.00
_cell.angle_beta   90.00
_cell.angle_gamma   90.00
#
_symmetry.space_group_name_H-M   'P 43 21 2'
#
loop_
_entity.id
_entity.type
_entity.pdbx_description
1 polymer 'NS2B co-factor'
2 polymer 'NS3 protease'
3 non-polymer 2-(5-amino-3-phenyl-1H-pyrazol-1-yl)ethan-1-ol
4 non-polymer 'DIMETHYL SULFOXIDE'
5 water water
#
loop_
_entity_poly.entity_id
_entity_poly.type
_entity_poly.pdbx_seq_one_letter_code
_entity_poly.pdbx_strand_id
1 'polypeptide(L)' MTGKSVDMYIERAGDITWEKDAEVTGNSPRLDVALDESGDFSLVEEDGPPMRE A,C
2 'polypeptide(L)'
;GALWDVPAPKEVKKGETTDGVYRVMTRRLLGSTQVGVGVMQEGVFHTMWHVTKGAALRSGEGRLDPYWGDVKQDLVSYCG
PWKLDAAWDGLSEVQLLAVPPGERAKNIQTLPGIFKTKDGDIGAVALDYPAGTSGSPILDKSGRVIGLYGNGVVIKNGSY
VSAITQGKREEETPVE
;
B,D
#
# COMPACT_ATOMS: atom_id res chain seq x y z
N VAL A 6 13.52 19.77 -2.35
CA VAL A 6 12.85 18.62 -1.76
C VAL A 6 12.99 18.62 -0.24
N ASP A 7 11.88 18.86 0.44
CA ASP A 7 11.87 18.87 1.90
C ASP A 7 11.34 17.55 2.43
N MET A 8 12.10 16.93 3.30
CA MET A 8 11.75 15.67 3.92
C MET A 8 11.41 15.97 5.38
N TYR A 9 10.31 15.40 5.86
CA TYR A 9 9.78 15.76 7.18
C TYR A 9 9.12 14.54 7.79
N ILE A 10 8.98 14.56 9.12
CA ILE A 10 8.47 13.40 9.84
C ILE A 10 7.18 13.79 10.56
N GLU A 11 6.30 12.80 10.67
CA GLU A 11 5.01 12.93 11.35
C GLU A 11 4.78 11.72 12.26
N ARG A 12 4.46 11.96 13.52
CA ARG A 12 4.24 10.85 14.44
C ARG A 12 3.02 10.03 14.02
N ALA A 13 3.17 8.70 14.05
CA ALA A 13 2.09 7.80 13.68
C ALA A 13 1.66 6.85 14.79
N GLY A 14 2.41 6.71 15.86
CA GLY A 14 1.91 5.93 16.97
C GLY A 14 2.99 5.62 17.98
N ASP A 15 2.58 4.91 19.03
CA ASP A 15 3.46 4.37 20.05
C ASP A 15 4.07 3.06 19.54
N ILE A 16 5.21 2.70 20.09
CA ILE A 16 5.82 1.40 19.79
C ILE A 16 5.31 0.43 20.85
N THR A 17 4.34 -0.39 20.48
N THR A 17 4.31 -0.37 20.50
CA THR A 17 3.67 -1.29 21.41
CA THR A 17 3.71 -1.31 21.42
C THR A 17 3.31 -2.58 20.69
C THR A 17 3.38 -2.59 20.68
N TRP A 18 3.45 -3.69 21.41
CA TRP A 18 2.92 -4.97 20.98
C TRP A 18 1.41 -4.95 21.14
N GLU A 19 0.69 -5.55 20.18
CA GLU A 19 -0.77 -5.58 20.22
C GLU A 19 -1.24 -7.03 20.32
N LYS A 20 -1.97 -7.35 21.38
CA LYS A 20 -2.38 -8.74 21.60
C LYS A 20 -3.24 -9.28 20.47
N ASP A 21 -4.04 -8.42 19.83
CA ASP A 21 -5.00 -8.85 18.82
C ASP A 21 -4.52 -8.60 17.41
N ALA A 22 -3.22 -8.72 17.18
CA ALA A 22 -2.70 -8.47 15.85
C ALA A 22 -3.11 -9.58 14.89
N GLU A 23 -3.33 -9.18 13.64
CA GLU A 23 -3.40 -10.15 12.55
C GLU A 23 -2.09 -10.92 12.46
N VAL A 24 -2.20 -12.20 12.15
CA VAL A 24 -1.05 -13.10 12.10
C VAL A 24 -0.94 -13.66 10.69
N THR A 25 0.24 -13.56 10.09
CA THR A 25 0.41 -14.08 8.74
C THR A 25 1.89 -14.19 8.40
N GLY A 26 2.16 -14.87 7.31
CA GLY A 26 3.49 -14.98 6.78
C GLY A 26 4.16 -16.28 7.13
N ASN A 27 4.98 -16.78 6.21
N ASN A 27 5.06 -16.72 6.24
CA ASN A 27 5.72 -18.02 6.43
CA ASN A 27 5.84 -17.94 6.39
C ASN A 27 7.13 -17.67 6.92
C ASN A 27 7.15 -17.64 7.12
N SER A 28 7.94 -18.71 7.13
N SER A 28 8.03 -18.65 7.22
CA SER A 28 9.23 -18.58 7.82
CA SER A 28 9.33 -18.52 7.89
C SER A 28 10.32 -19.26 7.01
C SER A 28 10.40 -19.21 7.06
N PRO A 29 10.68 -18.69 5.87
CA PRO A 29 11.65 -19.33 4.98
C PRO A 29 13.08 -19.28 5.53
N ARG A 30 13.85 -20.32 5.21
CA ARG A 30 15.27 -20.39 5.52
C ARG A 30 16.03 -20.26 4.22
N LEU A 31 16.78 -19.17 4.09
CA LEU A 31 17.40 -18.77 2.84
C LEU A 31 18.89 -18.57 3.06
N ASP A 32 19.70 -19.10 2.15
CA ASP A 32 21.12 -18.73 2.07
C ASP A 32 21.25 -17.42 1.28
N VAL A 33 21.87 -16.40 1.89
CA VAL A 33 22.03 -15.13 1.21
C VAL A 33 23.45 -14.60 1.41
N ALA A 34 23.81 -13.64 0.55
CA ALA A 34 25.06 -12.89 0.66
C ALA A 34 24.71 -11.40 0.69
N LEU A 35 25.51 -10.63 1.43
CA LEU A 35 25.32 -9.19 1.58
C LEU A 35 26.54 -8.52 0.97
N ASP A 36 26.32 -7.69 -0.04
CA ASP A 36 27.44 -7.06 -0.72
C ASP A 36 27.69 -5.66 -0.16
N GLU A 37 28.69 -5.00 -0.73
CA GLU A 37 29.17 -3.76 -0.14
C GLU A 37 28.14 -2.65 -0.21
N SER A 38 27.24 -2.73 -1.20
CA SER A 38 26.17 -1.74 -1.36
C SER A 38 24.96 -2.00 -0.47
N GLY A 39 25.03 -2.97 0.41
CA GLY A 39 23.93 -3.28 1.29
C GLY A 39 22.87 -4.15 0.67
N ASP A 40 23.12 -4.70 -0.51
CA ASP A 40 22.14 -5.51 -1.20
C ASP A 40 22.32 -6.98 -0.85
N PHE A 41 21.23 -7.61 -0.42
CA PHE A 41 21.19 -9.05 -0.22
C PHE A 41 20.91 -9.74 -1.54
N SER A 42 21.54 -10.89 -1.74
CA SER A 42 21.28 -11.72 -2.90
C SER A 42 21.26 -13.19 -2.46
N LEU A 43 20.47 -13.98 -3.17
CA LEU A 43 20.43 -15.41 -2.88
C LEU A 43 21.74 -16.09 -3.27
N VAL A 44 22.09 -17.13 -2.53
CA VAL A 44 23.26 -17.97 -2.81
C VAL A 44 22.83 -19.42 -2.95
N GLU A 45 23.45 -20.14 -3.88
CA GLU A 45 23.22 -21.57 -4.03
C GLU A 45 24.55 -22.32 -3.98
N THR B 17 10.01 15.06 19.15
CA THR B 17 11.09 14.34 19.82
C THR B 17 10.54 13.18 20.64
N THR B 18 9.21 13.16 20.75
CA THR B 18 8.52 12.11 21.47
C THR B 18 8.85 10.74 20.90
N ASP B 19 9.07 9.78 21.81
CA ASP B 19 9.24 8.40 21.41
C ASP B 19 8.05 7.98 20.56
N GLY B 20 8.32 7.18 19.55
CA GLY B 20 7.24 6.62 18.76
C GLY B 20 7.71 6.23 17.38
N VAL B 21 6.74 5.77 16.60
CA VAL B 21 6.98 5.47 15.20
C VAL B 21 6.47 6.64 14.37
N TYR B 22 7.22 7.01 13.33
CA TYR B 22 6.95 8.21 12.55
C TYR B 22 6.96 7.88 11.06
N ARG B 23 6.06 8.55 10.30
CA ARG B 23 6.18 8.58 8.85
C ARG B 23 7.28 9.52 8.41
N VAL B 24 7.99 9.12 7.35
CA VAL B 24 8.96 9.97 6.66
C VAL B 24 8.33 10.38 5.33
N MET B 25 8.09 11.69 5.19
CA MET B 25 7.35 12.27 4.08
C MET B 25 8.28 13.15 3.24
N THR B 26 7.94 13.29 1.94
CA THR B 26 8.64 14.22 1.06
CA THR B 26 8.64 14.22 1.06
C THR B 26 7.63 15.07 0.30
N ARG B 27 8.01 16.32 0.06
CA ARG B 27 7.35 17.20 -0.91
C ARG B 27 8.39 17.54 -1.98
N LEU B 30 4.86 18.25 -5.91
CA LEU B 30 3.71 19.12 -5.65
C LEU B 30 3.03 18.69 -4.34
N GLY B 31 2.38 17.53 -4.36
CA GLY B 31 1.80 16.95 -3.18
C GLY B 31 2.84 16.26 -2.32
N SER B 32 2.36 15.56 -1.31
CA SER B 32 3.23 14.84 -0.40
C SER B 32 3.13 13.34 -0.67
N THR B 33 4.21 12.64 -0.36
CA THR B 33 4.33 11.20 -0.59
C THR B 33 5.09 10.68 0.61
N GLN B 34 4.73 9.48 1.07
CA GLN B 34 5.44 8.83 2.16
C GLN B 34 6.55 7.96 1.57
N VAL B 35 7.80 8.26 1.93
CA VAL B 35 8.93 7.48 1.42
C VAL B 35 9.41 6.44 2.42
N GLY B 36 9.01 6.53 3.68
CA GLY B 36 9.41 5.53 4.66
C GLY B 36 8.87 5.83 6.03
N VAL B 37 9.52 5.20 7.00
CA VAL B 37 9.11 5.15 8.41
C VAL B 37 10.37 5.16 9.27
N GLY B 38 10.23 5.57 10.52
CA GLY B 38 11.37 5.47 11.42
C GLY B 38 10.91 5.46 12.86
N VAL B 39 11.88 5.27 13.75
CA VAL B 39 11.65 5.13 15.19
C VAL B 39 12.39 6.23 15.93
N MET B 40 11.68 6.96 16.78
CA MET B 40 12.28 7.88 17.73
C MET B 40 12.39 7.16 19.06
N GLN B 41 13.61 7.08 19.58
CA GLN B 41 13.82 6.50 20.91
C GLN B 41 15.02 7.22 21.53
N GLU B 42 14.84 7.63 22.78
CA GLU B 42 15.91 8.28 23.53
C GLU B 42 16.47 9.48 22.78
N GLY B 43 15.58 10.25 22.16
CA GLY B 43 15.99 11.47 21.49
C GLY B 43 16.67 11.27 20.16
N VAL B 44 16.71 10.05 19.64
CA VAL B 44 17.39 9.71 18.39
C VAL B 44 16.36 9.15 17.42
N PHE B 45 16.43 9.59 16.16
CA PHE B 45 15.58 9.06 15.10
C PHE B 45 16.35 8.03 14.28
N HIS B 46 15.76 6.87 14.12
CA HIS B 46 16.34 5.71 13.46
C HIS B 46 15.55 5.36 12.20
N THR B 47 16.24 5.25 11.07
CA THR B 47 15.56 4.77 9.86
C THR B 47 16.58 4.06 8.99
N MET B 48 16.16 3.71 7.77
CA MET B 48 16.99 2.98 6.83
C MET B 48 17.64 3.99 5.89
N TRP B 49 18.93 3.78 5.60
CA TRP B 49 19.66 4.71 4.76
C TRP B 49 18.94 4.94 3.42
N HIS B 50 18.40 3.88 2.82
CA HIS B 50 17.80 4.01 1.50
C HIS B 50 16.53 4.85 1.52
N VAL B 51 15.98 5.11 2.71
CA VAL B 51 14.80 5.95 2.82
C VAL B 51 15.15 7.41 2.66
N THR B 52 16.16 7.88 3.38
CA THR B 52 16.52 9.29 3.39
C THR B 52 17.83 9.62 2.67
N LYS B 53 18.69 8.63 2.44
CA LYS B 53 20.06 8.87 1.96
C LYS B 53 20.84 9.82 2.87
N GLY B 54 20.43 9.95 4.13
CA GLY B 54 21.07 10.86 5.08
C GLY B 54 20.61 12.30 5.02
N ALA B 55 19.62 12.61 4.21
CA ALA B 55 19.14 13.98 4.13
C ALA B 55 18.64 14.48 5.49
N ALA B 56 18.76 15.79 5.70
CA ALA B 56 18.18 16.38 6.89
C ALA B 56 16.67 16.22 6.86
N LEU B 57 16.08 16.14 8.04
CA LEU B 57 14.65 15.94 8.22
C LEU B 57 14.08 17.10 9.02
N ARG B 58 12.91 17.56 8.59
CA ARG B 58 12.16 18.53 9.36
C ARG B 58 11.24 17.82 10.32
N SER B 59 11.12 18.35 11.54
CA SER B 59 10.16 17.86 12.52
C SER B 59 9.52 19.11 13.13
N GLY B 60 8.37 19.49 12.61
CA GLY B 60 7.75 20.73 13.05
C GLY B 60 8.62 21.88 12.60
N GLU B 61 8.99 22.73 13.54
CA GLU B 61 9.88 23.86 13.26
C GLU B 61 11.34 23.51 13.44
N GLY B 62 11.66 22.30 13.90
CA GLY B 62 13.03 21.89 14.13
C GLY B 62 13.59 21.11 12.95
N ARG B 63 14.89 20.90 13.00
CA ARG B 63 15.63 20.17 11.98
C ARG B 63 16.40 19.04 12.63
N LEU B 64 16.37 17.86 12.03
CA LEU B 64 17.15 16.72 12.51
C LEU B 64 18.27 16.44 11.51
N ASP B 65 19.50 16.38 11.99
CA ASP B 65 20.64 16.10 11.12
C ASP B 65 21.19 14.70 11.38
N PRO B 66 21.71 14.04 10.34
CA PRO B 66 22.27 12.70 10.52
C PRO B 66 23.50 12.76 11.44
N TYR B 67 23.68 11.68 12.16
CA TYR B 67 24.75 11.54 13.13
C TYR B 67 25.63 10.34 12.86
N TRP B 68 25.03 9.21 12.51
CA TRP B 68 25.76 7.99 12.19
C TRP B 68 25.03 7.34 11.02
N GLY B 69 25.75 6.69 10.13
CA GLY B 69 25.06 5.89 9.14
C GLY B 69 26.01 4.99 8.41
N ASP B 70 25.45 4.00 7.73
CA ASP B 70 26.24 2.96 7.07
C ASP B 70 25.41 2.37 5.95
N VAL B 71 25.90 2.49 4.71
CA VAL B 71 25.20 1.98 3.54
C VAL B 71 25.11 0.47 3.57
N LYS B 72 26.14 -0.23 4.02
CA LYS B 72 26.06 -1.69 4.00
C LYS B 72 25.01 -2.22 4.96
N GLN B 73 24.90 -1.64 6.16
CA GLN B 73 23.84 -2.02 7.08
C GLN B 73 22.50 -1.44 6.66
N ASP B 74 22.51 -0.46 5.76
CA ASP B 74 21.31 0.28 5.32
C ASP B 74 20.61 0.96 6.49
N LEU B 75 21.39 1.60 7.36
CA LEU B 75 20.87 2.28 8.52
C LEU B 75 21.44 3.68 8.67
N VAL B 76 20.65 4.53 9.34
CA VAL B 76 21.08 5.90 9.68
C VAL B 76 20.36 6.33 10.95
N SER B 77 21.07 7.05 11.79
CA SER B 77 20.49 7.68 12.97
C SER B 77 20.69 9.19 12.89
N TYR B 78 19.76 9.90 13.51
CA TYR B 78 19.72 11.36 13.56
C TYR B 78 19.75 11.82 15.01
N CYS B 79 20.55 12.85 15.29
CA CYS B 79 20.60 13.57 16.56
C CYS B 79 21.47 12.88 17.57
N GLY B 80 21.86 11.64 17.35
CA GLY B 80 22.70 10.93 18.28
C GLY B 80 22.98 9.55 17.74
N PRO B 81 23.72 8.75 18.51
CA PRO B 81 24.09 7.41 18.05
C PRO B 81 22.92 6.45 18.10
N TRP B 82 23.06 5.37 17.34
CA TRP B 82 22.05 4.31 17.26
C TRP B 82 21.77 3.72 18.64
N LYS B 83 20.47 3.72 19.03
CA LYS B 83 20.06 3.34 20.37
C LYS B 83 19.42 1.96 20.49
N LEU B 84 19.00 1.36 19.37
CA LEU B 84 18.20 0.14 19.41
C LEU B 84 19.14 -1.07 19.43
N ASP B 85 18.97 -1.94 20.44
CA ASP B 85 19.88 -3.06 20.57
C ASP B 85 19.26 -4.41 20.83
N ALA B 86 17.95 -4.50 20.99
CA ALA B 86 17.34 -5.82 21.19
C ALA B 86 17.47 -6.65 19.93
N ALA B 87 17.47 -7.97 20.09
CA ALA B 87 17.59 -8.92 18.99
C ALA B 87 16.56 -10.02 19.11
N TRP B 88 16.11 -10.50 17.94
CA TRP B 88 15.24 -11.68 17.88
C TRP B 88 15.88 -12.83 18.63
N ASP B 89 15.06 -13.54 19.38
CA ASP B 89 15.52 -14.69 20.19
C ASP B 89 15.64 -15.98 19.39
N GLY B 90 15.29 -15.93 18.10
CA GLY B 90 15.41 -17.10 17.24
C GLY B 90 14.28 -18.12 17.35
N LEU B 91 13.30 -17.92 18.22
CA LEU B 91 12.27 -18.92 18.45
C LEU B 91 10.86 -18.35 18.44
N SER B 92 10.71 -17.10 18.87
CA SER B 92 9.42 -16.51 19.13
C SER B 92 8.88 -15.73 17.95
N GLU B 93 7.55 -15.66 17.88
CA GLU B 93 6.94 -14.72 16.96
C GLU B 93 7.25 -13.28 17.37
N VAL B 94 7.17 -12.42 16.37
CA VAL B 94 7.49 -10.99 16.48
C VAL B 94 6.33 -10.24 15.84
N GLN B 95 6.36 -8.91 15.95
CA GLN B 95 5.34 -8.11 15.28
C GLN B 95 6.01 -7.02 14.46
N LEU B 96 5.64 -6.94 13.18
CA LEU B 96 5.92 -5.79 12.36
C LEU B 96 4.90 -4.71 12.69
N LEU B 97 5.38 -3.57 13.20
CA LEU B 97 4.53 -2.39 13.40
C LEU B 97 4.60 -1.59 12.10
N ALA B 98 3.77 -2.01 11.15
CA ALA B 98 3.76 -1.43 9.81
C ALA B 98 3.05 -0.09 9.84
N VAL B 99 3.61 0.90 9.15
CA VAL B 99 2.93 2.18 8.99
C VAL B 99 2.85 2.44 7.49
N PRO B 100 1.92 1.82 6.79
CA PRO B 100 1.85 1.98 5.34
C PRO B 100 1.37 3.36 4.98
N PRO B 101 1.72 3.85 3.78
CA PRO B 101 1.19 5.14 3.33
C PRO B 101 -0.34 5.17 3.42
N GLY B 102 -0.87 6.27 3.96
CA GLY B 102 -2.29 6.42 4.03
C GLY B 102 -3.02 5.50 4.97
N GLU B 103 -2.33 4.78 5.84
CA GLU B 103 -3.01 3.84 6.72
C GLU B 103 -2.53 4.03 8.15
N ARG B 104 -3.42 3.71 9.09
CA ARG B 104 -3.06 3.77 10.50
C ARG B 104 -1.98 2.74 10.81
N ALA B 105 -1.09 3.08 11.75
CA ALA B 105 -0.13 2.10 12.23
C ALA B 105 -0.82 0.83 12.67
N LYS B 106 -0.30 -0.32 12.25
CA LYS B 106 -0.92 -1.60 12.55
C LYS B 106 0.12 -2.67 12.79
N ASN B 107 -0.24 -3.64 13.61
CA ASN B 107 0.69 -4.69 14.03
C ASN B 107 0.38 -5.97 13.27
N ILE B 108 1.41 -6.56 12.70
CA ILE B 108 1.32 -7.82 11.96
C ILE B 108 2.26 -8.80 12.65
N GLN B 109 1.70 -9.87 13.21
CA GLN B 109 2.48 -10.87 13.94
C GLN B 109 2.92 -11.99 13.00
N THR B 110 4.14 -12.49 13.20
CA THR B 110 4.68 -13.52 12.31
C THR B 110 5.82 -14.24 13.03
N LEU B 111 6.09 -15.47 12.59
CA LEU B 111 7.31 -16.16 12.98
C LEU B 111 8.38 -15.89 11.94
N PRO B 112 9.49 -15.21 12.27
CA PRO B 112 10.52 -14.97 11.26
C PRO B 112 11.11 -16.27 10.73
N GLY B 113 11.51 -16.25 9.47
CA GLY B 113 12.47 -17.19 8.92
C GLY B 113 13.88 -16.68 9.20
N ILE B 114 14.85 -17.20 8.42
CA ILE B 114 16.26 -16.93 8.69
C ILE B 114 16.98 -16.63 7.38
N PHE B 115 17.79 -15.58 7.37
CA PHE B 115 18.82 -15.39 6.38
C PHE B 115 20.09 -16.01 6.93
N LYS B 116 20.59 -17.04 6.26
CA LYS B 116 21.86 -17.68 6.62
C LYS B 116 22.97 -17.03 5.81
N THR B 117 23.92 -16.39 6.47
CA THR B 117 25.05 -15.77 5.76
C THR B 117 26.35 -16.33 6.27
N LYS B 118 27.44 -16.00 5.55
CA LYS B 118 28.77 -16.44 5.98
C LYS B 118 29.16 -15.86 7.32
N ASP B 119 28.52 -14.77 7.74
CA ASP B 119 28.83 -14.06 8.96
C ASP B 119 27.82 -14.33 10.07
N GLY B 120 26.91 -15.28 9.89
CA GLY B 120 25.92 -15.60 10.89
C GLY B 120 24.51 -15.46 10.37
N ASP B 121 23.56 -15.81 11.23
CA ASP B 121 22.15 -15.83 10.89
C ASP B 121 21.46 -14.53 11.29
N ILE B 122 20.51 -14.11 10.45
CA ILE B 122 19.71 -12.90 10.63
C ILE B 122 18.26 -13.32 10.54
N GLY B 123 17.42 -12.89 11.47
CA GLY B 123 16.00 -13.10 11.32
C GLY B 123 15.48 -12.39 10.08
N ALA B 124 14.40 -12.93 9.51
CA ALA B 124 13.83 -12.38 8.29
C ALA B 124 12.32 -12.59 8.31
N VAL B 125 11.58 -11.59 7.85
CA VAL B 125 10.11 -11.67 7.83
C VAL B 125 9.60 -11.66 6.40
N ALA B 126 8.73 -12.63 6.10
CA ALA B 126 8.18 -12.86 4.76
C ALA B 126 6.87 -12.11 4.60
N LEU B 127 6.99 -10.80 4.68
CA LEU B 127 5.87 -9.87 4.67
C LEU B 127 6.19 -8.84 3.59
N ASP B 128 5.20 -8.52 2.75
CA ASP B 128 5.39 -7.68 1.57
C ASP B 128 4.41 -6.51 1.63
N TYR B 129 4.86 -5.38 2.21
CA TYR B 129 4.07 -4.15 2.32
C TYR B 129 4.61 -3.08 1.36
N PRO B 130 3.85 -2.01 1.10
CA PRO B 130 4.33 -0.98 0.16
C PRO B 130 5.67 -0.36 0.54
N ALA B 131 6.40 0.13 -0.48
CA ALA B 131 7.78 0.56 -0.26
C ALA B 131 7.90 1.64 0.81
N GLY B 132 6.89 2.51 0.91
CA GLY B 132 6.88 3.55 1.91
C GLY B 132 6.77 3.07 3.33
N THR B 133 6.63 1.76 3.54
CA THR B 133 6.68 1.12 4.84
C THR B 133 8.11 0.83 5.30
N SER B 134 9.11 1.02 4.44
CA SER B 134 10.49 0.77 4.81
C SER B 134 10.88 1.60 6.01
N GLY B 135 11.52 0.99 6.99
CA GLY B 135 11.86 1.63 8.23
C GLY B 135 10.92 1.33 9.36
N SER B 136 9.83 0.63 9.08
CA SER B 136 8.91 0.25 10.12
C SER B 136 9.60 -0.69 11.09
N PRO B 137 9.34 -0.56 12.38
CA PRO B 137 10.01 -1.38 13.38
C PRO B 137 9.39 -2.75 13.51
N ILE B 138 10.25 -3.72 13.80
CA ILE B 138 9.87 -5.07 14.15
C ILE B 138 10.12 -5.21 15.65
N LEU B 139 9.12 -5.74 16.37
CA LEU B 139 9.11 -5.77 17.83
C LEU B 139 9.11 -7.18 18.38
N ASP B 140 9.74 -7.35 19.54
CA ASP B 140 9.59 -8.57 20.30
C ASP B 140 8.41 -8.42 21.26
N LYS B 141 8.13 -9.50 22.01
CA LYS B 141 6.95 -9.55 22.86
C LYS B 141 6.98 -8.48 23.95
N SER B 142 8.17 -8.06 24.38
CA SER B 142 8.28 -6.99 25.38
C SER B 142 8.11 -5.61 24.79
N GLY B 143 7.92 -5.50 23.49
CA GLY B 143 7.76 -4.22 22.84
C GLY B 143 9.05 -3.54 22.45
N ARG B 144 10.18 -4.22 22.57
CA ARG B 144 11.47 -3.65 22.19
C ARG B 144 11.66 -3.78 20.68
N VAL B 145 12.32 -2.79 20.07
CA VAL B 145 12.57 -2.85 18.63
C VAL B 145 13.77 -3.74 18.37
N ILE B 146 13.56 -4.85 17.67
CA ILE B 146 14.63 -5.79 17.31
C ILE B 146 15.19 -5.53 15.93
N GLY B 147 14.66 -4.56 15.20
CA GLY B 147 15.22 -4.18 13.93
C GLY B 147 14.18 -3.44 13.11
N LEU B 148 14.60 -3.04 11.90
CA LEU B 148 13.74 -2.33 10.97
C LEU B 148 13.49 -3.14 9.71
N TYR B 149 12.30 -2.90 9.12
CA TYR B 149 11.79 -3.59 7.93
C TYR B 149 12.14 -2.83 6.65
N GLY B 150 12.58 -3.58 5.63
CA GLY B 150 12.73 -2.99 4.31
C GLY B 150 14.00 -3.18 3.52
N ASN B 151 14.94 -3.97 4.02
CA ASN B 151 16.08 -4.42 3.20
C ASN B 151 16.02 -5.94 3.12
N GLY B 152 15.97 -6.49 1.91
CA GLY B 152 15.70 -7.92 1.80
C GLY B 152 16.01 -8.49 0.42
N VAL B 153 15.33 -9.60 0.11
CA VAL B 153 15.52 -10.35 -1.13
C VAL B 153 14.17 -10.81 -1.61
N VAL B 154 14.12 -11.21 -2.89
CA VAL B 154 12.94 -11.84 -3.48
C VAL B 154 13.23 -13.32 -3.71
N ILE B 155 12.28 -14.16 -3.32
CA ILE B 155 12.33 -15.59 -3.59
C ILE B 155 11.33 -16.01 -4.65
N GLY B 158 8.25 -15.38 -5.89
CA GLY B 158 8.19 -13.95 -6.15
C GLY B 158 7.93 -13.09 -4.92
N SER B 159 7.90 -13.71 -3.75
CA SER B 159 7.59 -12.95 -2.55
C SER B 159 8.82 -12.26 -2.01
N TYR B 160 8.65 -11.05 -1.53
CA TYR B 160 9.71 -10.35 -0.81
C TYR B 160 9.85 -10.89 0.59
N VAL B 161 11.09 -10.95 1.06
CA VAL B 161 11.43 -11.29 2.43
C VAL B 161 12.39 -10.24 2.97
N SER B 162 12.06 -9.61 4.09
CA SER B 162 12.87 -8.55 4.68
C SER B 162 13.78 -9.11 5.76
N ALA B 163 15.06 -8.75 5.71
CA ALA B 163 15.88 -8.93 6.91
C ALA B 163 15.25 -8.18 8.07
N ILE B 164 15.49 -8.67 9.29
CA ILE B 164 15.28 -7.87 10.49
C ILE B 164 16.60 -7.15 10.72
N THR B 165 16.70 -5.90 10.28
CA THR B 165 17.95 -5.16 10.29
C THR B 165 18.09 -4.41 11.59
N GLN B 166 19.15 -4.73 12.34
CA GLN B 166 19.42 -4.09 13.63
C GLN B 166 20.82 -3.49 13.58
N GLY B 167 20.99 -2.34 14.24
CA GLY B 167 22.28 -1.70 14.37
C GLY B 167 23.02 -2.15 15.60
N LYS B 168 24.05 -1.40 15.95
CA LYS B 168 24.87 -1.66 17.12
C LYS B 168 24.78 -0.45 18.06
N ARG B 169 24.45 -0.72 19.32
CA ARG B 169 24.50 0.31 20.36
C ARG B 169 25.77 0.19 21.20
N ASP C 7 -24.77 12.15 3.37
CA ASP C 7 -23.53 11.97 4.11
C ASP C 7 -22.26 11.98 3.28
N MET C 8 -22.36 11.77 1.95
CA MET C 8 -21.18 11.67 1.10
C MET C 8 -21.28 12.64 -0.07
N TYR C 9 -20.11 13.09 -0.57
CA TYR C 9 -20.04 14.01 -1.68
C TYR C 9 -18.82 13.62 -2.51
N ILE C 10 -18.80 14.09 -3.75
CA ILE C 10 -17.70 13.79 -4.66
C ILE C 10 -16.96 15.09 -4.97
N GLU C 11 -15.65 14.97 -5.18
CA GLU C 11 -14.84 16.11 -5.56
C GLU C 11 -13.79 15.65 -6.55
N ARG C 12 -13.51 16.52 -7.50
CA ARG C 12 -12.67 16.15 -8.64
C ARG C 12 -11.26 15.84 -8.19
N ALA C 13 -10.68 14.79 -8.79
CA ALA C 13 -9.29 14.43 -8.56
C ALA C 13 -8.41 14.43 -9.80
N GLY C 14 -8.96 14.46 -11.01
CA GLY C 14 -8.11 14.49 -12.19
C GLY C 14 -8.86 14.15 -13.45
N ASP C 15 -8.17 14.33 -14.57
CA ASP C 15 -8.56 13.80 -15.87
C ASP C 15 -8.15 12.33 -15.93
N ILE C 16 -8.79 11.57 -16.80
CA ILE C 16 -8.45 10.16 -16.97
C ILE C 16 -7.63 10.03 -18.25
N THR C 17 -6.35 9.75 -18.08
CA THR C 17 -5.43 9.61 -19.20
C THR C 17 -4.36 8.59 -18.84
N TRP C 18 -3.85 7.93 -19.87
CA TRP C 18 -2.63 7.12 -19.77
C TRP C 18 -1.43 8.05 -19.67
N GLU C 19 -0.46 7.69 -18.84
CA GLU C 19 0.74 8.51 -18.64
C GLU C 19 1.92 7.76 -19.23
N LYS C 20 2.57 8.37 -20.22
CA LYS C 20 3.59 7.65 -20.98
C LYS C 20 4.82 7.32 -20.15
N ASP C 21 5.15 8.14 -19.16
CA ASP C 21 6.36 7.90 -18.37
C ASP C 21 6.04 7.38 -16.98
N ALA C 22 5.05 6.50 -16.90
CA ALA C 22 4.62 5.91 -15.64
C ALA C 22 5.59 4.81 -15.22
N GLU C 23 5.78 4.70 -13.91
CA GLU C 23 6.57 3.59 -13.37
C GLU C 23 5.81 2.28 -13.55
N VAL C 24 6.55 1.23 -13.90
CA VAL C 24 6.02 -0.14 -14.00
C VAL C 24 6.38 -0.88 -12.72
N THR C 25 5.40 -1.57 -12.14
CA THR C 25 5.65 -2.32 -10.92
C THR C 25 4.59 -3.39 -10.71
N GLY C 26 4.86 -4.27 -9.74
CA GLY C 26 3.93 -5.35 -9.45
C GLY C 26 4.22 -6.60 -10.25
N ASN C 27 3.87 -7.75 -9.65
CA ASN C 27 3.98 -9.03 -10.36
C ASN C 27 2.63 -9.35 -11.03
N SER C 28 2.49 -10.58 -11.53
CA SER C 28 1.34 -10.99 -12.34
C SER C 28 0.86 -12.36 -11.87
N PRO C 29 0.32 -12.44 -10.66
CA PRO C 29 0.03 -13.77 -10.07
C PRO C 29 -1.17 -14.41 -10.73
N ARG C 30 -1.12 -15.74 -10.87
CA ARG C 30 -2.28 -16.53 -11.27
C ARG C 30 -2.82 -17.21 -10.01
N LEU C 31 -4.01 -16.79 -9.56
CA LEU C 31 -4.54 -17.15 -8.26
C LEU C 31 -5.89 -17.83 -8.42
N ASP C 32 -6.08 -18.97 -7.78
CA ASP C 32 -7.38 -19.62 -7.73
C ASP C 32 -8.23 -18.96 -6.65
N VAL C 33 -9.38 -18.37 -7.03
CA VAL C 33 -10.22 -17.63 -6.09
C VAL C 33 -11.66 -18.06 -6.25
N ALA C 34 -12.45 -17.77 -5.20
CA ALA C 34 -13.89 -17.94 -5.21
C ALA C 34 -14.56 -16.60 -4.95
N LEU C 35 -15.73 -16.39 -5.57
CA LEU C 35 -16.53 -15.19 -5.42
C LEU C 35 -17.84 -15.57 -4.76
N ASP C 36 -18.10 -15.06 -3.56
CA ASP C 36 -19.32 -15.46 -2.88
C ASP C 36 -20.48 -14.52 -3.23
N GLU C 37 -21.67 -14.90 -2.77
CA GLU C 37 -22.86 -14.13 -3.11
C GLU C 37 -22.82 -12.71 -2.58
N SER C 38 -21.98 -12.40 -1.59
CA SER C 38 -21.86 -11.03 -1.10
C SER C 38 -20.87 -10.21 -1.92
N GLY C 39 -20.29 -10.77 -2.98
CA GLY C 39 -19.30 -10.06 -3.78
C GLY C 39 -17.90 -10.05 -3.21
N ASP C 40 -17.60 -10.95 -2.29
CA ASP C 40 -16.28 -11.05 -1.67
C ASP C 40 -15.48 -12.17 -2.31
N PHE C 41 -14.24 -11.85 -2.66
CA PHE C 41 -13.28 -12.84 -3.15
C PHE C 41 -12.55 -13.50 -1.97
N SER C 42 -12.24 -14.78 -2.13
CA SER C 42 -11.40 -15.49 -1.18
C SER C 42 -10.45 -16.39 -1.96
N LEU C 43 -9.32 -16.73 -1.33
CA LEU C 43 -8.40 -17.71 -1.88
C LEU C 43 -8.93 -19.12 -1.66
N VAL C 44 -8.78 -19.96 -2.66
CA VAL C 44 -9.25 -21.33 -2.56
C VAL C 44 -8.19 -22.18 -1.86
N GLU C 45 -8.64 -23.07 -0.96
CA GLU C 45 -7.75 -24.02 -0.29
C GLU C 45 -7.86 -25.40 -0.95
N LYS D 13 -21.55 25.29 -21.74
CA LYS D 13 -22.11 24.99 -23.06
C LYS D 13 -23.02 23.78 -22.96
N LYS D 14 -24.05 23.74 -23.80
CA LYS D 14 -24.96 22.61 -23.78
C LYS D 14 -24.23 21.35 -24.21
N GLY D 15 -24.30 20.32 -23.36
CA GLY D 15 -23.61 19.07 -23.59
C GLY D 15 -22.27 18.93 -22.91
N GLU D 16 -21.81 19.95 -22.19
CA GLU D 16 -20.50 19.89 -21.56
C GLU D 16 -20.60 19.18 -20.20
N THR D 17 -20.32 17.88 -20.20
CA THR D 17 -20.33 17.11 -18.96
C THR D 17 -18.98 17.24 -18.24
N THR D 18 -18.89 16.61 -17.05
CA THR D 18 -17.76 16.80 -16.17
C THR D 18 -16.92 15.53 -16.01
N ASP D 19 -16.43 14.99 -17.13
CA ASP D 19 -15.69 13.73 -17.12
C ASP D 19 -14.46 13.86 -16.24
N GLY D 20 -14.14 12.79 -15.53
CA GLY D 20 -12.91 12.72 -14.77
C GLY D 20 -12.99 11.68 -13.69
N VAL D 21 -11.94 11.64 -12.86
CA VAL D 21 -11.92 10.79 -11.68
C VAL D 21 -12.18 11.67 -10.48
N TYR D 22 -12.93 11.14 -9.52
CA TYR D 22 -13.44 11.89 -8.37
C TYR D 22 -13.18 11.09 -7.09
N ARG D 23 -12.85 11.81 -6.03
CA ARG D 23 -12.85 11.26 -4.69
C ARG D 23 -14.25 11.17 -4.12
N VAL D 24 -14.55 10.09 -3.41
CA VAL D 24 -15.79 9.96 -2.64
C VAL D 24 -15.48 10.20 -1.17
N MET D 25 -16.04 11.30 -0.66
CA MET D 25 -15.71 11.87 0.63
C MET D 25 -16.87 11.76 1.60
N THR D 26 -16.59 11.55 2.88
CA THR D 26 -17.62 11.76 3.90
C THR D 26 -17.63 13.23 4.35
N ARG D 27 -18.77 13.67 4.88
CA ARG D 27 -18.83 15.08 5.28
C ARG D 27 -18.19 15.26 6.66
N ARG D 28 -18.01 16.53 7.03
CA ARG D 28 -17.22 16.86 8.22
C ARG D 28 -17.62 16.09 9.46
N LEU D 29 -18.87 15.63 9.54
CA LEU D 29 -19.34 14.92 10.73
C LEU D 29 -18.54 13.64 11.00
N LEU D 30 -18.01 13.01 9.94
CA LEU D 30 -17.36 11.70 10.04
C LEU D 30 -15.84 11.78 9.90
N GLY D 31 -15.27 12.99 9.93
CA GLY D 31 -13.85 13.17 9.77
C GLY D 31 -13.43 13.64 8.40
N SER D 32 -14.38 13.84 7.49
CA SER D 32 -14.09 14.17 6.09
C SER D 32 -13.06 13.19 5.53
N THR D 33 -13.46 11.92 5.53
CA THR D 33 -12.62 10.81 5.11
C THR D 33 -12.87 10.51 3.64
N GLN D 34 -11.81 10.17 2.92
CA GLN D 34 -11.99 9.62 1.59
C GLN D 34 -12.31 8.14 1.73
N VAL D 35 -13.53 7.74 1.38
CA VAL D 35 -13.90 6.33 1.45
C VAL D 35 -13.79 5.60 0.11
N GLY D 36 -13.65 6.32 -0.99
CA GLY D 36 -13.42 5.65 -2.25
C GLY D 36 -13.22 6.68 -3.34
N VAL D 37 -13.42 6.23 -4.57
CA VAL D 37 -13.10 6.94 -5.80
C VAL D 37 -14.14 6.49 -6.82
N GLY D 38 -14.36 7.31 -7.85
CA GLY D 38 -15.18 6.86 -8.97
C GLY D 38 -14.88 7.64 -10.22
N VAL D 39 -15.52 7.18 -11.31
CA VAL D 39 -15.31 7.69 -12.66
C VAL D 39 -16.59 8.38 -13.11
N MET D 40 -16.48 9.64 -13.50
CA MET D 40 -17.56 10.34 -14.18
C MET D 40 -17.28 10.23 -15.66
N GLN D 41 -18.22 9.62 -16.41
CA GLN D 41 -18.07 9.49 -17.85
C GLN D 41 -19.44 9.52 -18.47
N GLU D 42 -19.62 10.38 -19.47
CA GLU D 42 -20.86 10.44 -20.22
C GLU D 42 -22.05 10.68 -19.30
N GLY D 43 -21.84 11.50 -18.27
CA GLY D 43 -22.88 11.94 -17.37
C GLY D 43 -23.25 10.98 -16.29
N VAL D 44 -22.53 9.87 -16.18
CA VAL D 44 -22.77 8.81 -15.22
C VAL D 44 -21.59 8.69 -14.28
N PHE D 45 -21.88 8.50 -13.00
CA PHE D 45 -20.84 8.27 -12.01
C PHE D 45 -20.75 6.78 -11.69
N HIS D 46 -19.55 6.24 -11.82
CA HIS D 46 -19.29 4.81 -11.69
C HIS D 46 -18.41 4.56 -10.48
N THR D 47 -18.84 3.69 -9.56
CA THR D 47 -17.97 3.34 -8.42
C THR D 47 -18.26 1.92 -7.98
N MET D 48 -17.57 1.47 -6.94
CA MET D 48 -17.78 0.11 -6.41
C MET D 48 -18.87 0.18 -5.35
N TRP D 49 -19.73 -0.83 -5.31
CA TRP D 49 -20.83 -0.81 -4.34
C TRP D 49 -20.34 -0.65 -2.90
N HIS D 50 -19.26 -1.33 -2.53
CA HIS D 50 -18.83 -1.27 -1.13
C HIS D 50 -18.32 0.10 -0.70
N VAL D 51 -18.07 1.01 -1.64
CA VAL D 51 -17.68 2.37 -1.29
C VAL D 51 -18.87 3.18 -0.76
N THR D 52 -19.99 3.17 -1.51
CA THR D 52 -21.15 3.99 -1.12
C THR D 52 -22.29 3.20 -0.54
N LYS D 53 -22.33 1.89 -0.79
CA LYS D 53 -23.47 1.05 -0.44
C LYS D 53 -24.75 1.63 -0.99
N GLY D 54 -24.65 2.27 -2.16
CA GLY D 54 -25.79 2.85 -2.84
C GLY D 54 -26.30 4.16 -2.29
N ALA D 55 -25.62 4.74 -1.29
CA ALA D 55 -26.08 6.00 -0.72
C ALA D 55 -26.05 7.10 -1.76
N ALA D 56 -26.94 8.07 -1.58
CA ALA D 56 -26.93 9.24 -2.44
C ALA D 56 -25.64 10.02 -2.24
N LEU D 57 -25.27 10.79 -3.25
CA LEU D 57 -24.04 11.57 -3.27
C LEU D 57 -24.34 13.02 -3.58
N ARG D 58 -23.65 13.94 -2.92
CA ARG D 58 -23.73 15.35 -3.26
C ARG D 58 -22.66 15.67 -4.28
N SER D 59 -23.03 16.47 -5.29
CA SER D 59 -22.10 16.96 -6.30
C SER D 59 -22.34 18.45 -6.45
N GLY D 60 -21.50 19.25 -5.84
CA GLY D 60 -21.80 20.68 -5.77
C GLY D 60 -23.12 20.86 -5.03
N GLU D 61 -24.06 21.54 -5.68
CA GLU D 61 -25.40 21.73 -5.12
C GLU D 61 -26.40 20.67 -5.58
N GLY D 62 -25.97 19.71 -6.41
CA GLY D 62 -26.83 18.67 -6.91
C GLY D 62 -26.71 17.36 -6.13
N ARG D 63 -27.68 16.48 -6.35
CA ARG D 63 -27.70 15.16 -5.75
C ARG D 63 -27.65 14.11 -6.83
N LEU D 64 -26.82 13.08 -6.62
CA LEU D 64 -26.71 11.93 -7.51
C LEU D 64 -27.36 10.73 -6.84
N ASP D 65 -28.26 10.08 -7.54
CA ASP D 65 -28.96 8.90 -7.05
C ASP D 65 -28.56 7.66 -7.84
N PRO D 66 -28.52 6.50 -7.19
CA PRO D 66 -28.18 5.27 -7.91
C PRO D 66 -29.17 4.98 -9.01
N TYR D 67 -28.67 4.33 -10.06
CA TYR D 67 -29.43 3.96 -11.23
C TYR D 67 -29.37 2.47 -11.52
N TRP D 68 -28.20 1.88 -11.37
CA TRP D 68 -28.00 0.45 -11.56
C TRP D 68 -27.01 0.00 -10.52
N GLY D 69 -27.19 -1.21 -10.01
CA GLY D 69 -26.16 -1.77 -9.16
C GLY D 69 -26.29 -3.27 -9.00
N ASP D 70 -25.18 -3.86 -8.55
CA ASP D 70 -25.11 -5.31 -8.36
C ASP D 70 -24.08 -5.59 -7.28
N VAL D 71 -24.54 -6.11 -6.15
CA VAL D 71 -23.67 -6.40 -5.01
C VAL D 71 -22.63 -7.46 -5.35
N LYS D 72 -23.01 -8.49 -6.12
CA LYS D 72 -22.03 -9.54 -6.38
C LYS D 72 -20.90 -9.04 -7.29
N GLN D 73 -21.22 -8.21 -8.28
CA GLN D 73 -20.18 -7.59 -9.10
C GLN D 73 -19.46 -6.49 -8.34
N ASP D 74 -20.09 -5.97 -7.27
CA ASP D 74 -19.56 -4.90 -6.42
C ASP D 74 -19.46 -3.60 -7.20
N LEU D 75 -20.47 -3.30 -8.01
CA LEU D 75 -20.52 -2.09 -8.83
C LEU D 75 -21.85 -1.35 -8.67
N VAL D 76 -21.78 -0.04 -8.88
CA VAL D 76 -22.99 0.78 -8.88
C VAL D 76 -22.76 1.96 -9.81
N SER D 77 -23.82 2.37 -10.53
CA SER D 77 -23.77 3.58 -11.34
C SER D 77 -24.84 4.54 -10.84
N TYR D 78 -24.55 5.83 -10.99
CA TYR D 78 -25.44 6.93 -10.63
C TYR D 78 -25.75 7.76 -11.87
N CYS D 79 -27.02 8.18 -11.99
CA CYS D 79 -27.54 9.13 -12.95
C CYS D 79 -27.84 8.50 -14.30
N GLY D 80 -27.42 7.27 -14.53
CA GLY D 80 -27.62 6.61 -15.80
C GLY D 80 -26.96 5.26 -15.79
N PRO D 81 -27.08 4.55 -16.91
CA PRO D 81 -26.55 3.19 -16.99
C PRO D 81 -25.04 3.18 -17.04
N TRP D 82 -24.48 2.05 -16.63
CA TRP D 82 -23.05 1.81 -16.71
C TRP D 82 -22.54 2.05 -18.14
N LYS D 83 -21.51 2.89 -18.28
CA LYS D 83 -21.01 3.32 -19.59
C LYS D 83 -19.70 2.67 -20.00
N LEU D 84 -19.00 2.04 -19.06
CA LEU D 84 -17.63 1.62 -19.31
C LEU D 84 -17.64 0.18 -19.80
N ASP D 85 -17.18 -0.03 -21.04
CA ASP D 85 -17.22 -1.38 -21.58
C ASP D 85 -15.90 -1.87 -22.19
N ALA D 86 -14.82 -1.10 -22.12
CA ALA D 86 -13.55 -1.60 -22.60
C ALA D 86 -13.09 -2.76 -21.71
N ALA D 87 -12.40 -3.73 -22.32
CA ALA D 87 -11.94 -4.93 -21.64
C ALA D 87 -10.43 -5.03 -21.72
N TRP D 88 -9.80 -5.52 -20.66
CA TRP D 88 -8.39 -5.90 -20.75
C TRP D 88 -8.22 -6.89 -21.89
N ASP D 89 -7.21 -6.68 -22.73
CA ASP D 89 -7.03 -7.58 -23.86
C ASP D 89 -6.32 -8.89 -23.49
N GLY D 90 -5.99 -9.07 -22.21
CA GLY D 90 -5.32 -10.27 -21.73
C GLY D 90 -3.85 -10.37 -22.04
N LEU D 91 -3.27 -9.35 -22.63
CA LEU D 91 -1.92 -9.40 -23.16
C LEU D 91 -1.08 -8.20 -22.78
N SER D 92 -1.68 -7.02 -22.75
CA SER D 92 -0.95 -5.77 -22.61
C SER D 92 -0.90 -5.28 -21.17
N GLU D 93 0.12 -4.48 -20.90
CA GLU D 93 0.18 -3.75 -19.64
C GLU D 93 -0.94 -2.73 -19.58
N VAL D 94 -1.32 -2.39 -18.35
CA VAL D 94 -2.43 -1.51 -18.04
C VAL D 94 -1.90 -0.48 -17.04
N GLN D 95 -2.69 0.55 -16.77
CA GLN D 95 -2.32 1.51 -15.74
C GLN D 95 -3.45 1.69 -14.74
N LEU D 96 -3.11 1.58 -13.46
CA LEU D 96 -3.99 2.02 -12.39
C LEU D 96 -3.82 3.53 -12.24
N LEU D 97 -4.92 4.26 -12.35
CA LEU D 97 -4.92 5.68 -12.04
C LEU D 97 -5.34 5.78 -10.58
N ALA D 98 -4.35 5.58 -9.71
CA ALA D 98 -4.60 5.50 -8.29
C ALA D 98 -4.91 6.88 -7.73
N VAL D 99 -5.97 6.96 -6.93
CA VAL D 99 -6.33 8.22 -6.27
C VAL D 99 -6.33 7.92 -4.77
N PRO D 100 -5.14 7.85 -4.13
CA PRO D 100 -5.12 7.51 -2.72
C PRO D 100 -5.59 8.65 -1.86
N PRO D 101 -6.25 8.37 -0.73
CA PRO D 101 -6.60 9.47 0.19
C PRO D 101 -5.41 10.34 0.53
N GLY D 102 -5.61 11.65 0.44
CA GLY D 102 -4.58 12.60 0.81
C GLY D 102 -3.42 12.71 -0.13
N GLU D 103 -3.49 12.11 -1.32
CA GLU D 103 -2.40 12.16 -2.27
C GLU D 103 -2.93 12.48 -3.65
N ARG D 104 -2.10 13.14 -4.44
CA ARG D 104 -2.43 13.43 -5.83
C ARG D 104 -2.61 12.15 -6.62
N ALA D 105 -3.55 12.17 -7.55
CA ALA D 105 -3.71 11.05 -8.47
C ALA D 105 -2.40 10.74 -9.19
N LYS D 106 -2.12 9.46 -9.35
CA LYS D 106 -0.90 9.01 -10.01
C LYS D 106 -1.14 7.75 -10.80
N ASN D 107 -0.39 7.61 -11.88
CA ASN D 107 -0.51 6.45 -12.76
C ASN D 107 0.55 5.42 -12.41
N ILE D 108 0.13 4.16 -12.27
CA ILE D 108 1.04 3.04 -12.01
C ILE D 108 0.80 2.00 -13.09
N GLN D 109 1.87 1.61 -13.79
CA GLN D 109 1.76 0.66 -14.89
C GLN D 109 2.09 -0.74 -14.38
N THR D 110 1.37 -1.74 -14.90
CA THR D 110 1.59 -3.10 -14.45
C THR D 110 1.10 -4.07 -15.50
N LEU D 111 1.62 -5.31 -15.44
CA LEU D 111 1.01 -6.41 -16.18
C LEU D 111 0.10 -7.20 -15.25
N PRO D 112 -1.21 -7.24 -15.49
CA PRO D 112 -2.10 -7.99 -14.59
C PRO D 112 -1.73 -9.47 -14.55
N GLY D 113 -1.98 -10.07 -13.41
CA GLY D 113 -2.17 -11.50 -13.30
C GLY D 113 -3.63 -11.86 -13.53
N ILE D 114 -4.02 -12.99 -12.96
CA ILE D 114 -5.31 -13.62 -13.28
C ILE D 114 -5.95 -14.13 -11.99
N PHE D 115 -7.23 -13.81 -11.79
CA PHE D 115 -8.09 -14.51 -10.86
C PHE D 115 -8.74 -15.66 -11.63
N LYS D 116 -8.45 -16.90 -11.25
CA LYS D 116 -9.06 -18.07 -11.87
C LYS D 116 -10.22 -18.51 -11.00
N THR D 117 -11.42 -18.50 -11.56
CA THR D 117 -12.62 -18.88 -10.83
C THR D 117 -13.37 -19.98 -11.57
N LYS D 118 -14.36 -20.56 -10.89
CA LYS D 118 -15.14 -21.63 -11.49
C LYS D 118 -15.92 -21.14 -12.72
N ASP D 119 -16.11 -19.83 -12.85
CA ASP D 119 -16.89 -19.26 -13.93
C ASP D 119 -16.03 -18.51 -14.94
N GLY D 120 -14.71 -18.66 -14.88
CA GLY D 120 -13.83 -18.05 -15.85
C GLY D 120 -12.78 -17.17 -15.19
N ASP D 121 -11.90 -16.65 -16.03
CA ASP D 121 -10.75 -15.88 -15.59
C ASP D 121 -11.06 -14.39 -15.65
N ILE D 122 -10.49 -13.65 -14.69
CA ILE D 122 -10.59 -12.20 -14.57
C ILE D 122 -9.18 -11.68 -14.43
N GLY D 123 -8.84 -10.62 -15.16
CA GLY D 123 -7.61 -9.92 -14.88
C GLY D 123 -7.56 -9.38 -13.45
N ALA D 124 -6.35 -9.26 -12.92
CA ALA D 124 -6.16 -8.80 -11.56
C ALA D 124 -4.81 -8.09 -11.46
N VAL D 125 -4.77 -7.00 -10.68
CA VAL D 125 -3.54 -6.21 -10.52
C VAL D 125 -2.99 -6.35 -9.11
N ALA D 126 -1.70 -6.66 -9.03
CA ALA D 126 -0.98 -6.84 -7.76
C ALA D 126 -0.37 -5.50 -7.34
N LEU D 127 -1.27 -4.59 -6.98
CA LEU D 127 -0.96 -3.24 -6.55
C LEU D 127 -1.71 -3.00 -5.25
N ASP D 128 -1.00 -2.50 -4.25
CA ASP D 128 -1.50 -2.44 -2.87
C ASP D 128 -1.63 -1.00 -2.41
N TYR D 129 -2.90 -0.53 -2.35
CA TYR D 129 -3.29 0.80 -1.94
C TYR D 129 -4.34 0.75 -0.84
N PRO D 130 -4.46 1.83 -0.05
CA PRO D 130 -5.44 1.83 1.04
C PRO D 130 -6.87 1.67 0.53
N ALA D 131 -7.74 1.27 1.47
CA ALA D 131 -9.14 0.98 1.16
C ALA D 131 -9.83 2.15 0.46
N GLY D 132 -9.53 3.39 0.86
CA GLY D 132 -10.16 4.55 0.24
C GLY D 132 -9.77 4.82 -1.20
N THR D 133 -8.85 4.03 -1.76
CA THR D 133 -8.49 4.06 -3.16
C THR D 133 -9.47 3.26 -3.99
N SER D 134 -10.35 2.49 -3.36
CA SER D 134 -11.31 1.67 -4.08
C SER D 134 -12.16 2.52 -5.02
N GLY D 135 -12.36 2.02 -6.24
CA GLY D 135 -13.05 2.76 -7.29
C GLY D 135 -12.14 3.46 -8.27
N SER D 136 -10.83 3.45 -8.01
CA SER D 136 -9.89 4.05 -8.93
C SER D 136 -9.90 3.28 -10.24
N PRO D 137 -9.83 3.96 -11.37
CA PRO D 137 -9.91 3.28 -12.65
C PRO D 137 -8.62 2.67 -13.09
N ILE D 138 -8.74 1.54 -13.80
CA ILE D 138 -7.67 0.85 -14.48
C ILE D 138 -7.87 1.10 -15.97
N LEU D 139 -6.78 1.42 -16.67
CA LEU D 139 -6.81 1.97 -18.02
C LEU D 139 -6.05 1.10 -19.00
N ASP D 140 -6.52 1.07 -20.25
CA ASP D 140 -5.74 0.52 -21.35
C ASP D 140 -4.94 1.65 -22.02
N LYS D 141 -4.11 1.29 -23.00
CA LYS D 141 -3.19 2.27 -23.59
C LYS D 141 -3.92 3.40 -24.33
N SER D 142 -5.18 3.19 -24.72
CA SER D 142 -6.01 4.23 -25.29
C SER D 142 -6.58 5.18 -24.26
N GLY D 143 -6.37 4.92 -22.98
CA GLY D 143 -6.95 5.75 -21.94
C GLY D 143 -8.37 5.36 -21.58
N ARG D 144 -8.88 4.26 -22.12
CA ARG D 144 -10.22 3.79 -21.76
C ARG D 144 -10.20 3.06 -20.44
N VAL D 145 -11.29 3.17 -19.68
CA VAL D 145 -11.39 2.49 -18.40
C VAL D 145 -11.80 1.04 -18.64
N ILE D 146 -10.92 0.11 -18.27
CA ILE D 146 -11.17 -1.32 -18.43
C ILE D 146 -11.69 -1.96 -17.15
N GLY D 147 -11.79 -1.19 -16.08
CA GLY D 147 -12.42 -1.66 -14.85
C GLY D 147 -12.02 -0.78 -13.70
N LEU D 148 -12.55 -1.12 -12.52
CA LEU D 148 -12.25 -0.41 -11.28
C LEU D 148 -11.50 -1.29 -10.29
N TYR D 149 -10.60 -0.64 -9.56
CA TYR D 149 -9.75 -1.24 -8.52
C TYR D 149 -10.42 -1.27 -7.17
N GLY D 150 -10.25 -2.37 -6.43
CA GLY D 150 -10.67 -2.33 -5.04
C GLY D 150 -11.48 -3.49 -4.51
N ASN D 151 -11.80 -4.48 -5.34
CA ASN D 151 -12.40 -5.72 -4.86
C ASN D 151 -11.43 -6.86 -5.15
N GLY D 152 -10.90 -7.46 -4.12
CA GLY D 152 -9.78 -8.37 -4.26
C GLY D 152 -9.56 -9.25 -3.04
N VAL D 153 -8.30 -9.64 -2.85
CA VAL D 153 -7.90 -10.59 -1.82
C VAL D 153 -6.55 -10.17 -1.23
N VAL D 154 -6.37 -10.45 0.06
CA VAL D 154 -5.09 -10.35 0.74
C VAL D 154 -4.43 -11.72 0.67
N ILE D 155 -3.16 -11.75 0.25
CA ILE D 155 -2.47 -13.03 0.11
C ILE D 155 -1.56 -13.26 1.31
N LYS D 156 -0.86 -14.39 1.30
CA LYS D 156 -0.24 -14.88 2.53
C LYS D 156 0.84 -13.93 3.05
N ASN D 157 1.52 -13.21 2.17
CA ASN D 157 2.60 -12.34 2.62
C ASN D 157 2.10 -10.96 3.04
N GLY D 158 0.77 -10.76 3.06
CA GLY D 158 0.17 -9.56 3.57
C GLY D 158 -0.20 -8.56 2.49
N SER D 159 0.27 -8.77 1.28
CA SER D 159 -0.05 -7.85 0.19
C SER D 159 -1.44 -8.11 -0.37
N TYR D 160 -1.85 -7.22 -1.26
CA TYR D 160 -3.19 -7.19 -1.80
C TYR D 160 -3.18 -7.33 -3.31
N VAL D 161 -4.16 -8.05 -3.83
CA VAL D 161 -4.35 -8.18 -5.26
C VAL D 161 -5.80 -7.88 -5.58
N SER D 162 -6.03 -6.95 -6.52
CA SER D 162 -7.38 -6.54 -6.90
C SER D 162 -7.82 -7.16 -8.23
N ALA D 163 -9.08 -7.56 -8.28
CA ALA D 163 -9.69 -7.85 -9.58
C ALA D 163 -9.73 -6.57 -10.40
N ILE D 164 -9.69 -6.73 -11.72
CA ILE D 164 -10.09 -5.65 -12.64
C ILE D 164 -11.60 -5.83 -12.83
N THR D 165 -12.40 -5.06 -12.08
CA THR D 165 -13.84 -5.26 -12.07
C THR D 165 -14.49 -4.34 -13.11
N GLN D 166 -15.15 -4.94 -14.10
CA GLN D 166 -15.81 -4.17 -15.16
C GLN D 166 -17.27 -4.55 -15.24
N GLY D 167 -18.12 -3.56 -15.55
CA GLY D 167 -19.54 -3.77 -15.78
C GLY D 167 -19.86 -4.02 -17.25
N LYS D 168 -21.13 -3.98 -17.56
CA LYS D 168 -21.63 -4.17 -18.90
C LYS D 168 -22.30 -2.89 -19.35
N ARG D 169 -22.06 -2.49 -20.59
CA ARG D 169 -22.78 -1.41 -21.22
C ARG D 169 -23.91 -2.06 -22.04
N GLU D 170 -25.15 -1.83 -21.63
CA GLU D 170 -26.30 -2.44 -22.30
C GLU D 170 -26.36 -1.99 -23.74
#